data_6Q41
#
_entry.id   6Q41
#
_cell.length_a   18.777
_cell.length_b   38.656
_cell.length_c   45.329
_cell.angle_alpha   69.039
_cell.angle_beta   79.584
_cell.angle_gamma   77.438
#
_symmetry.space_group_name_H-M   'P 1'
#
loop_
_entity.id
_entity.type
_entity.pdbx_description
1 polymer 'Middle and Trailing Chains of the BAA collagen heterotrimer'
2 polymer 'Leading chain of the BAA collagen heterotrimer'
3 non-polymer 1,2-ETHANEDIOL
4 non-polymer GLYCEROL
5 water water
#
loop_
_entity_poly.entity_id
_entity_poly.type
_entity_poly.pdbx_seq_one_letter_code
_entity_poly.pdbx_strand_id
1 'polypeptide(L)' (ACE)GPKGDPGPKGDPGPPGPPGARGQAGV(NLE)GF(HYP)GPPGPKGDKGDPGPPGGY(NH2) B,C
2 'polypeptide(L)' (ACE)GPKGPPGDKGPPGDPGPPGARGE(HYP)GNIGF(HYP)GPPGPKGPKGDPGDPGGY(NH2) A
#
loop_
_chem_comp.id
_chem_comp.type
_chem_comp.name
_chem_comp.formula
ACE non-polymer 'ACETYL GROUP' 'C2 H4 O'
EDO non-polymer 1,2-ETHANEDIOL 'C2 H6 O2'
GOL non-polymer GLYCEROL 'C3 H8 O3'
NH2 non-polymer 'AMINO GROUP' 'H2 N'
#
# COMPACT_ATOMS: atom_id res chain seq x y z
C ACE A 1 -14.28 69.57 -4.36
O ACE A 1 -15.28 70.11 -3.91
CH3 ACE A 1 -13.78 69.81 -5.73
H1 ACE A 1 -14.57 70.29 -6.32
H2 ACE A 1 -13.50 68.87 -6.20
H3 ACE A 1 -12.91 70.47 -5.71
N GLY A 2 -13.54 68.77 -3.59
CA GLY A 2 -13.89 68.46 -2.22
C GLY A 2 -13.01 67.34 -1.72
N PRO A 3 -13.19 66.95 -0.46
CA PRO A 3 -12.41 65.82 0.08
C PRO A 3 -12.58 64.58 -0.77
N LYS A 4 -11.53 63.76 -0.82
CA LYS A 4 -11.63 62.50 -1.53
C LYS A 4 -12.50 61.53 -0.75
N GLY A 5 -13.22 60.68 -1.47
CA GLY A 5 -13.97 59.63 -0.82
C GLY A 5 -13.09 58.67 -0.04
N ASP A 6 -13.72 57.99 0.91
CA ASP A 6 -13.02 57.00 1.72
C ASP A 6 -12.52 55.87 0.81
N PRO A 7 -11.41 55.22 1.17
CA PRO A 7 -11.03 54.01 0.48
C PRO A 7 -12.12 52.95 0.65
N GLY A 8 -12.29 52.09 -0.38
CA GLY A 8 -13.22 50.98 -0.30
C GLY A 8 -12.78 49.95 0.73
N PRO A 9 -13.71 49.11 1.11
CA PRO A 9 -13.36 48.00 2.04
C PRO A 9 -12.52 46.95 1.31
N LYS A 10 -11.95 46.06 2.10
CA LYS A 10 -11.17 44.93 1.57
C LYS A 10 -12.06 43.98 0.79
N GLY A 11 -11.46 43.37 -0.23
CA GLY A 11 -12.13 42.37 -1.03
C GLY A 11 -12.48 41.11 -0.25
N ASP A 12 -13.32 40.27 -0.90
CA ASP A 12 -13.65 38.96 -0.38
C ASP A 12 -12.42 38.06 -0.35
N PRO A 13 -12.38 37.14 0.59
CA PRO A 13 -11.23 36.24 0.64
C PRO A 13 -11.25 35.25 -0.50
N GLY A 14 -10.05 34.76 -0.88
CA GLY A 14 -9.96 33.64 -1.79
C GLY A 14 -10.47 32.34 -1.20
N PRO A 15 -10.97 31.44 -2.04
CA PRO A 15 -11.46 30.17 -1.52
C PRO A 15 -10.31 29.29 -1.06
N PRO A 16 -10.57 28.39 -0.12
CA PRO A 16 -9.56 27.39 0.25
C PRO A 16 -9.33 26.50 -0.94
N GLY A 17 -8.12 25.94 -1.01
CA GLY A 17 -7.79 25.01 -2.06
C GLY A 17 -8.40 23.63 -1.83
N PRO A 18 -8.44 22.83 -2.88
CA PRO A 18 -9.02 21.49 -2.79
C PRO A 18 -8.12 20.54 -2.04
N PRO A 19 -8.68 19.48 -1.47
CA PRO A 19 -7.86 18.46 -0.83
C PRO A 19 -6.86 17.86 -1.82
N GLY A 20 -5.72 17.44 -1.28
CA GLY A 20 -4.73 16.79 -2.13
C GLY A 20 -5.19 15.43 -2.63
N ALA A 21 -4.53 14.98 -3.68
CA ALA A 21 -4.73 13.64 -4.20
C ALA A 21 -4.32 12.59 -3.16
N ARG A 22 -4.91 11.41 -3.31
CA ARG A 22 -4.51 10.28 -2.50
C ARG A 22 -3.09 9.87 -2.90
N GLY A 23 -2.38 9.34 -1.92
CA GLY A 23 -1.10 8.70 -2.19
C GLY A 23 -1.22 7.54 -3.16
N GLN A 24 -0.09 7.18 -3.73
CA GLN A 24 -0.03 6.00 -4.57
C GLN A 24 -0.07 4.75 -3.69
N ALA A 25 -0.59 3.68 -4.29
CA ALA A 25 -0.62 2.42 -3.57
C ALA A 25 0.81 1.94 -3.28
N GLY A 26 0.97 1.25 -2.16
CA GLY A 26 2.29 0.82 -1.73
C GLY A 26 2.87 -0.29 -2.60
N VAL A 27 4.16 -0.48 -2.44
CA VAL A 27 4.91 -1.56 -3.06
C VAL A 27 4.44 -2.93 -2.57
N NLE A 28 4.42 -3.89 -3.48
CA NLE A 28 4.09 -5.25 -3.12
C NLE A 28 5.09 -5.87 -2.17
O NLE A 28 6.29 -5.58 -2.23
CB NLE A 28 4.03 -6.09 -4.41
CG NLE A 28 3.67 -7.53 -4.12
CD NLE A 28 3.26 -8.16 -5.47
CE NLE A 28 2.68 -9.52 -5.21
HA NLE A 28 3.11 -5.25 -2.61
HB2 NLE A 28 5.00 -6.05 -4.91
HB3 NLE A 28 3.28 -5.67 -5.09
HG2 NLE A 28 2.84 -7.59 -3.41
HG3 NLE A 28 4.52 -8.06 -3.70
HD2 NLE A 28 4.12 -8.23 -6.12
HD3 NLE A 28 2.52 -7.53 -5.97
HE1 NLE A 28 2.27 -9.91 -6.10
HE2 NLE A 28 1.93 -9.46 -4.47
HE3 NLE A 28 3.45 -10.18 -4.87
N GLY A 29 4.60 -6.66 -1.21
CA GLY A 29 5.47 -7.28 -0.24
C GLY A 29 6.50 -8.24 -0.84
N PHE A 30 7.55 -8.53 -0.08
CA PHE A 30 8.54 -9.50 -0.50
C PHE A 30 7.97 -10.92 -0.47
N HYP A 31 8.56 -11.85 -1.23
CA HYP A 31 8.16 -13.26 -1.13
C HYP A 31 8.34 -13.82 0.23
O HYP A 31 9.24 -13.44 0.97
CB HYP A 31 9.07 -13.97 -2.16
CG HYP A 31 9.46 -12.85 -3.12
CD HYP A 31 9.66 -11.65 -2.18
OD1 HYP A 31 8.42 -12.65 -4.09
HA HYP A 31 7.10 -13.40 -1.36
HB2 HYP A 31 9.94 -14.40 -1.67
HB3 HYP A 31 8.53 -14.77 -2.66
HG HYP A 31 10.36 -13.04 -3.72
HD22 HYP A 31 9.59 -10.71 -2.71
HD23 HYP A 31 10.64 -11.69 -1.69
HD1 HYP A 31 7.63 -12.30 -3.64
N GLY A 32 7.48 -14.77 0.52
CA GLY A 32 7.63 -15.55 1.74
C GLY A 32 8.80 -16.51 1.71
N PRO A 33 9.02 -17.19 2.84
CA PRO A 33 10.10 -18.17 2.93
C PRO A 33 9.71 -19.45 2.22
N PRO A 34 10.69 -20.34 2.04
CA PRO A 34 10.37 -21.68 1.53
C PRO A 34 9.42 -22.41 2.48
N GLY A 35 8.62 -23.30 1.90
CA GLY A 35 7.71 -24.12 2.66
C GLY A 35 8.37 -25.20 3.48
N PRO A 36 7.57 -25.78 4.37
CA PRO A 36 8.06 -26.88 5.21
C PRO A 36 8.27 -28.17 4.43
N LYS A 37 9.06 -29.03 5.03
CA LYS A 37 9.41 -30.32 4.44
C LYS A 37 8.20 -31.22 4.35
N GLY A 38 8.18 -32.03 3.31
CA GLY A 38 7.09 -32.99 3.15
C GLY A 38 7.15 -34.15 4.14
N ASP A 39 6.03 -34.88 4.20
CA ASP A 39 5.94 -36.05 5.06
C ASP A 39 6.76 -37.21 4.50
N LYS A 40 7.12 -38.08 5.42
N LYS A 40 7.12 -38.11 5.41
CA LYS A 40 7.86 -39.28 5.07
CA LYS A 40 7.91 -39.27 5.08
C LYS A 40 7.06 -40.16 4.10
C LYS A 40 7.11 -40.24 4.23
N GLY A 41 7.80 -40.88 3.29
CA GLY A 41 7.17 -41.79 2.38
C GLY A 41 6.61 -43.02 3.09
N ASP A 42 5.82 -43.74 2.30
CA ASP A 42 5.21 -44.98 2.72
C ASP A 42 6.25 -46.09 2.75
N PRO A 43 6.02 -47.11 3.58
CA PRO A 43 6.98 -48.21 3.60
C PRO A 43 6.99 -48.98 2.30
N GLY A 44 8.14 -49.61 2.04
CA GLY A 44 8.24 -50.50 0.92
C GLY A 44 7.45 -51.79 1.11
N PRO A 45 7.35 -52.57 0.03
CA PRO A 45 6.64 -53.84 0.08
C PRO A 45 7.50 -54.95 0.66
N PRO A 46 6.90 -56.09 0.95
CA PRO A 46 7.72 -57.22 1.44
C PRO A 46 8.77 -57.59 0.40
N GLY A 47 9.90 -58.10 0.88
CA GLY A 47 10.87 -58.66 -0.03
C GLY A 47 10.23 -59.77 -0.88
N GLY A 48 10.59 -59.78 -2.13
CA GLY A 48 10.08 -60.70 -3.08
C GLY A 48 8.77 -60.27 -3.71
N TYR A 49 8.27 -59.09 -3.38
CA TYR A 49 7.04 -58.62 -3.94
C TYR A 49 7.20 -58.56 -5.45
N NH2 A 50 6.15 -58.96 -6.13
HN1 NH2 A 50 5.31 -59.25 -5.65
HN2 NH2 A 50 6.18 -58.96 -7.15
C ACE B 1 -16.18 66.76 -5.61
O ACE B 1 -15.49 66.75 -6.65
CH3 ACE B 1 -17.47 67.51 -5.61
H1 ACE B 1 -17.26 68.58 -5.58
H2 ACE B 1 -18.06 67.23 -4.74
H3 ACE B 1 -18.03 67.27 -6.51
N GLY B 2 -15.82 66.19 -4.47
CA GLY B 2 -14.58 65.45 -4.36
C GLY B 2 -14.53 64.22 -5.24
N PRO B 3 -13.33 63.71 -5.46
CA PRO B 3 -13.15 62.50 -6.26
C PRO B 3 -13.58 61.27 -5.50
N LYS B 4 -13.98 60.27 -6.28
CA LYS B 4 -14.24 58.94 -5.72
C LYS B 4 -13.00 58.36 -5.04
N GLY B 5 -13.23 57.64 -3.97
CA GLY B 5 -12.16 56.99 -3.23
C GLY B 5 -11.46 55.93 -4.05
N ASP B 6 -10.28 55.51 -3.52
CA ASP B 6 -9.54 54.43 -4.11
C ASP B 6 -10.22 53.09 -3.79
N PRO B 7 -10.01 52.11 -4.64
CA PRO B 7 -10.48 50.74 -4.31
C PRO B 7 -9.84 50.23 -3.03
N GLY B 8 -10.57 49.37 -2.33
CA GLY B 8 -10.01 48.72 -1.17
C GLY B 8 -8.91 47.74 -1.51
N PRO B 9 -8.23 47.26 -0.48
CA PRO B 9 -7.18 46.25 -0.70
C PRO B 9 -7.75 44.94 -1.18
N LYS B 10 -6.87 44.20 -1.81
CA LYS B 10 -7.18 42.84 -2.20
C LYS B 10 -7.51 41.98 -0.99
N GLY B 11 -8.46 41.08 -1.18
CA GLY B 11 -8.82 40.12 -0.13
C GLY B 11 -7.69 39.22 0.32
N ASP B 12 -7.88 38.67 1.53
CA ASP B 12 -6.97 37.68 2.04
C ASP B 12 -6.93 36.45 1.14
N PRO B 13 -5.77 35.79 1.02
CA PRO B 13 -5.67 34.58 0.23
C PRO B 13 -6.37 33.45 0.96
N GLY B 14 -6.84 32.48 0.19
CA GLY B 14 -7.37 31.28 0.78
C GLY B 14 -6.27 30.32 1.21
N PRO B 15 -6.55 29.51 2.22
CA PRO B 15 -5.54 28.58 2.71
C PRO B 15 -5.39 27.39 1.78
N PRO B 16 -4.27 26.65 1.90
CA PRO B 16 -4.11 25.38 1.19
C PRO B 16 -5.25 24.43 1.55
N GLY B 17 -5.56 23.55 0.59
CA GLY B 17 -6.43 22.45 0.90
C GLY B 17 -5.81 21.47 1.87
N PRO B 18 -6.63 20.63 2.50
CA PRO B 18 -6.10 19.60 3.40
C PRO B 18 -5.29 18.56 2.66
N PRO B 19 -4.40 17.87 3.37
CA PRO B 19 -3.57 16.83 2.74
C PRO B 19 -4.44 15.68 2.25
N GLY B 20 -3.98 15.07 1.16
CA GLY B 20 -4.68 13.92 0.63
C GLY B 20 -4.58 12.70 1.54
N ALA B 21 -5.50 11.77 1.29
CA ALA B 21 -5.53 10.50 1.99
C ALA B 21 -4.29 9.66 1.72
N ARG B 22 -3.93 8.87 2.73
CA ARG B 22 -2.86 7.92 2.58
C ARG B 22 -3.13 6.96 1.43
N GLY B 23 -2.09 6.64 0.66
CA GLY B 23 -2.23 5.61 -0.36
C GLY B 23 -2.57 4.27 0.25
N GLN B 24 -3.22 3.45 -0.56
CA GLN B 24 -3.55 2.10 -0.14
C GLN B 24 -2.31 1.25 0.14
N ALA B 25 -2.39 0.40 1.17
CA ALA B 25 -1.28 -0.49 1.49
C ALA B 25 -0.95 -1.35 0.28
N GLY B 26 0.34 -1.62 0.11
CA GLY B 26 0.74 -2.60 -0.87
C GLY B 26 0.17 -3.96 -0.56
N VAL B 27 0.05 -4.77 -1.60
CA VAL B 27 -0.47 -6.10 -1.39
C VAL B 27 0.57 -7.05 -0.82
N NLE B 28 0.06 -8.13 -0.20
CA NLE B 28 0.93 -9.16 0.35
C NLE B 28 1.77 -9.78 -0.74
O NLE B 28 1.34 -10.00 -1.86
CB NLE B 28 0.08 -10.20 1.10
CG NLE B 28 0.92 -11.18 1.91
CD NLE B 28 0.13 -11.75 3.09
CE NLE B 28 -1.02 -12.60 2.59
HA NLE B 28 1.62 -8.72 1.08
HB2 NLE B 28 -0.52 -10.75 0.38
HB3 NLE B 28 -0.60 -9.69 1.78
HG2 NLE B 28 1.81 -10.68 2.28
HG3 NLE B 28 1.24 -12.00 1.27
HD2 NLE B 28 -0.25 -10.94 3.70
HD3 NLE B 28 0.79 -12.36 3.71
HE1 NLE B 28 -1.53 -13.02 3.42
HE2 NLE B 28 -0.64 -13.37 1.97
HE3 NLE B 28 -1.69 -11.99 2.03
N GLY B 29 2.98 -10.18 -0.38
CA GLY B 29 3.87 -10.80 -1.33
C GLY B 29 3.49 -12.20 -1.73
N PHE B 30 4.18 -12.65 -2.77
CA PHE B 30 3.98 -14.03 -3.20
C PHE B 30 4.38 -15.06 -2.14
N HYP B 31 3.80 -16.23 -2.21
CA HYP B 31 4.31 -17.32 -1.37
C HYP B 31 5.74 -17.62 -1.72
O HYP B 31 6.18 -17.42 -2.84
CB HYP B 31 3.41 -18.51 -1.73
CG HYP B 31 2.15 -17.90 -2.35
CD HYP B 31 2.74 -16.72 -3.08
OD1 HYP B 31 1.30 -17.34 -1.36
HA HYP B 31 4.29 -17.10 -0.30
HB2 HYP B 31 3.90 -19.18 -2.44
HB3 HYP B 31 3.16 -19.08 -0.84
HG HYP B 31 1.59 -18.64 -2.93
HD22 HYP B 31 3.13 -17.01 -4.05
HD23 HYP B 31 1.98 -15.94 -3.25
HD1 HYP B 31 0.49 -17.00 -1.79
N GLY B 32 6.47 -18.15 -0.75
CA GLY B 32 7.77 -18.69 -1.00
C GLY B 32 7.75 -19.91 -1.87
N PRO B 33 8.94 -20.44 -2.17
CA PRO B 33 9.02 -21.66 -2.96
C PRO B 33 8.55 -22.87 -2.18
N PRO B 34 8.18 -23.95 -2.87
CA PRO B 34 7.77 -25.17 -2.15
C PRO B 34 8.86 -25.71 -1.23
N GLY B 35 8.41 -26.37 -0.16
CA GLY B 35 9.31 -27.09 0.72
C GLY B 35 9.95 -28.27 0.01
N PRO B 36 10.99 -28.84 0.65
CA PRO B 36 11.68 -30.02 0.12
C PRO B 36 10.81 -31.25 0.27
N LYS B 37 11.09 -32.23 -0.58
CA LYS B 37 10.49 -33.56 -0.48
C LYS B 37 10.79 -34.19 0.87
N GLY B 38 9.82 -34.96 1.36
CA GLY B 38 10.01 -35.74 2.58
C GLY B 38 11.04 -36.86 2.47
N ASP B 39 11.38 -37.40 3.62
N ASP B 39 11.33 -37.40 3.66
CA ASP B 39 12.35 -38.48 3.61
CA ASP B 39 12.19 -38.56 3.80
C ASP B 39 11.73 -39.76 3.09
C ASP B 39 11.66 -39.75 2.99
N LYS B 40 12.58 -40.59 2.54
CA LYS B 40 12.18 -41.87 1.94
C LYS B 40 11.52 -42.74 3.01
N GLY B 41 10.57 -43.55 2.58
CA GLY B 41 9.91 -44.44 3.52
C GLY B 41 10.80 -45.53 4.03
N ASP B 42 10.31 -46.16 5.09
CA ASP B 42 11.01 -47.30 5.69
C ASP B 42 11.05 -48.49 4.73
N PRO B 43 12.04 -49.39 4.88
CA PRO B 43 12.03 -50.61 4.10
C PRO B 43 10.82 -51.46 4.48
N GLY B 44 10.36 -52.25 3.52
CA GLY B 44 9.39 -53.25 3.79
C GLY B 44 9.91 -54.39 4.62
N PRO B 45 9.00 -55.30 4.98
CA PRO B 45 9.39 -56.45 5.82
C PRO B 45 10.15 -57.47 4.99
N PRO B 46 10.99 -58.30 5.62
CA PRO B 46 11.72 -59.32 4.88
C PRO B 46 10.76 -60.35 4.29
N GLY B 47 11.12 -60.86 3.12
CA GLY B 47 10.35 -61.88 2.45
C GLY B 47 11.06 -63.20 2.33
N GLY B 48 10.27 -64.25 2.16
CA GLY B 48 10.81 -65.56 1.88
C GLY B 48 11.23 -65.75 0.45
N TYR B 49 11.98 -66.83 0.23
CA TYR B 49 12.58 -67.16 -1.05
C TYR B 49 12.56 -68.67 -1.25
N NH2 B 50 12.08 -69.10 -2.40
HN1 NH2 B 50 11.71 -68.43 -3.07
HN2 NH2 B 50 12.09 -70.09 -2.62
C ACE C 1 -16.11 72.11 1.45
O ACE C 1 -17.34 72.19 1.53
CH3 ACE C 1 -15.09 72.50 2.48
H1 ACE C 1 -15.56 72.52 3.46
H2 ACE C 1 -14.28 71.77 2.48
H3 ACE C 1 -14.69 73.48 2.24
N GLY C 2 -15.61 71.66 0.39
CA GLY C 2 -16.45 71.14 -0.66
C GLY C 2 -17.05 69.78 -0.28
N PRO C 3 -17.91 69.26 -1.15
CA PRO C 3 -18.57 67.97 -0.86
C PRO C 3 -17.59 66.80 -0.96
N LYS C 4 -17.64 65.90 0.04
CA LYS C 4 -16.79 64.73 0.02
C LYS C 4 -17.25 63.79 -1.10
N GLY C 5 -16.26 63.19 -1.76
CA GLY C 5 -16.51 62.24 -2.82
C GLY C 5 -17.05 60.92 -2.31
N PRO C 6 -17.57 60.10 -3.25
CA PRO C 6 -18.12 58.81 -2.86
C PRO C 6 -17.05 57.81 -2.51
N PRO C 7 -17.40 56.83 -1.71
CA PRO C 7 -16.42 55.85 -1.26
C PRO C 7 -15.96 54.95 -2.40
N GLY C 8 -14.70 54.51 -2.28
CA GLY C 8 -14.11 53.66 -3.29
C GLY C 8 -14.74 52.27 -3.33
N ASP C 9 -14.47 51.58 -4.43
CA ASP C 9 -14.99 50.22 -4.64
C ASP C 9 -14.42 49.24 -3.62
N LYS C 10 -15.22 48.23 -3.26
CA LYS C 10 -14.66 47.07 -2.55
C LYS C 10 -13.51 46.49 -3.37
N GLY C 11 -12.48 46.05 -2.66
CA GLY C 11 -11.27 45.56 -3.28
C GLY C 11 -11.50 44.27 -4.04
N PRO C 12 -10.50 43.88 -4.84
CA PRO C 12 -10.59 42.65 -5.61
C PRO C 12 -10.51 41.44 -4.69
N PRO C 13 -10.96 40.29 -5.17
CA PRO C 13 -10.97 39.12 -4.30
C PRO C 13 -9.58 38.54 -4.11
N GLY C 14 -9.41 37.90 -2.98
CA GLY C 14 -8.14 37.25 -2.67
C GLY C 14 -7.82 36.07 -3.55
N ASP C 15 -6.53 35.68 -3.51
CA ASP C 15 -6.05 34.56 -4.31
C ASP C 15 -6.65 33.24 -3.79
N PRO C 16 -6.97 32.33 -4.70
CA PRO C 16 -7.43 31.01 -4.26
C PRO C 16 -6.27 30.29 -3.59
N GLY C 17 -6.60 29.48 -2.59
CA GLY C 17 -5.64 28.60 -1.97
C GLY C 17 -5.22 27.50 -2.92
N PRO C 18 -4.01 26.97 -2.72
CA PRO C 18 -3.54 25.88 -3.56
C PRO C 18 -4.10 24.55 -3.10
N PRO C 19 -4.06 23.51 -3.96
CA PRO C 19 -4.41 22.15 -3.53
C PRO C 19 -3.55 21.71 -2.37
N GLY C 20 -4.15 20.89 -1.51
CA GLY C 20 -3.38 20.23 -0.48
C GLY C 20 -2.30 19.34 -1.09
N ALA C 21 -1.36 18.96 -0.23
CA ALA C 21 -0.33 18.03 -0.61
C ALA C 21 -0.93 16.66 -0.91
N ARG C 22 -0.31 15.94 -1.82
CA ARG C 22 -0.67 14.54 -2.04
C ARG C 22 -0.40 13.71 -0.80
N GLY C 23 -1.30 12.79 -0.51
CA GLY C 23 -1.05 11.88 0.58
C GLY C 23 0.23 11.06 0.39
N GLU C 24 0.72 10.51 1.49
CA GLU C 24 1.89 9.66 1.41
C GLU C 24 1.48 8.35 0.78
N HYP C 25 2.35 7.78 -0.06
CA HYP C 25 2.08 6.47 -0.61
C HYP C 25 1.97 5.43 0.44
O HYP C 25 2.46 5.58 1.56
CB HYP C 25 3.27 6.23 -1.53
CG HYP C 25 3.56 7.61 -2.06
CD HYP C 25 3.51 8.36 -0.75
OD1 HYP C 25 2.55 8.03 -2.97
HA HYP C 25 1.14 6.41 -1.16
HB2 HYP C 25 4.12 5.82 -0.99
HB3 HYP C 25 3.02 5.53 -2.33
HG HYP C 25 4.50 7.72 -2.62
HD22 HYP C 25 3.38 9.43 -0.90
HD23 HYP C 25 4.43 8.22 -0.17
HD1 HYP C 25 2.04 8.74 -2.58
N GLY C 26 1.23 4.38 0.09
CA GLY C 26 0.99 3.34 1.07
C GLY C 26 2.23 2.56 1.51
N ASN C 27 2.10 1.89 2.65
CA ASN C 27 3.19 1.05 3.13
C ASN C 27 3.48 -0.10 2.16
N ILE C 28 4.72 -0.63 2.22
CA ILE C 28 5.02 -1.88 1.55
C ILE C 28 4.13 -2.99 2.12
N GLY C 29 3.69 -3.90 1.24
CA GLY C 29 2.85 -4.98 1.68
C GLY C 29 3.58 -5.95 2.62
N PHE C 30 2.78 -6.72 3.34
CA PHE C 30 3.33 -7.78 4.19
C PHE C 30 4.11 -8.75 3.28
N HYP C 31 5.15 -9.38 3.84
CA HYP C 31 5.78 -10.53 3.18
C HYP C 31 4.76 -11.59 2.97
O HYP C 31 3.84 -11.74 3.76
CB HYP C 31 6.88 -11.03 4.13
CG HYP C 31 7.13 -9.77 4.96
CD HYP C 31 5.86 -8.96 5.07
OD1 HYP C 31 8.06 -8.99 4.17
HA HYP C 31 6.23 -10.28 2.21
HB2 HYP C 31 7.77 -11.34 3.59
HB3 HYP C 31 6.53 -11.86 4.74
HG HYP C 31 7.48 -10.03 5.97
HD22 HYP C 31 5.29 -9.20 5.97
HD23 HYP C 31 6.06 -7.88 5.08
HD1 HYP C 31 8.38 -8.24 4.70
N GLY C 32 4.98 -12.38 1.92
CA GLY C 32 4.06 -13.46 1.64
C GLY C 32 4.21 -14.63 2.66
N PRO C 33 3.25 -15.54 2.66
CA PRO C 33 3.32 -16.72 3.51
C PRO C 33 4.36 -17.69 2.99
N PRO C 34 4.68 -18.70 3.76
CA PRO C 34 5.57 -19.75 3.25
C PRO C 34 5.00 -20.41 2.01
N GLY C 35 5.90 -20.98 1.25
CA GLY C 35 5.54 -21.83 0.15
C GLY C 35 4.77 -23.04 0.63
N PRO C 36 4.20 -23.83 -0.30
CA PRO C 36 3.51 -25.05 0.10
C PRO C 36 4.46 -26.05 0.72
N LYS C 37 3.88 -26.90 1.57
CA LYS C 37 4.61 -28.02 2.11
C LYS C 37 5.11 -28.89 0.96
N GLY C 38 6.29 -29.45 1.16
CA GLY C 38 6.89 -30.26 0.11
C GLY C 38 6.12 -31.57 -0.10
N PRO C 39 6.43 -32.23 -1.20
CA PRO C 39 5.75 -33.48 -1.52
C PRO C 39 6.20 -34.59 -0.60
N LYS C 40 5.36 -35.61 -0.54
CA LYS C 40 5.64 -36.80 0.25
C LYS C 40 6.90 -37.52 -0.25
N GLY C 41 7.62 -38.12 0.68
CA GLY C 41 8.80 -38.86 0.30
C GLY C 41 8.55 -40.03 -0.64
N ASP C 42 9.66 -40.50 -1.22
CA ASP C 42 9.61 -41.71 -2.03
C ASP C 42 9.23 -42.91 -1.16
N PRO C 43 8.62 -43.96 -1.74
CA PRO C 43 8.37 -45.17 -0.95
C PRO C 43 9.67 -45.83 -0.57
N GLY C 44 9.62 -46.57 0.51
CA GLY C 44 10.75 -47.35 0.89
C GLY C 44 11.09 -48.43 -0.12
N ASP C 45 12.31 -48.98 0.07
CA ASP C 45 12.72 -50.16 -0.68
C ASP C 45 11.89 -51.37 -0.24
N PRO C 46 11.75 -52.38 -1.12
CA PRO C 46 11.26 -53.67 -0.64
C PRO C 46 12.14 -54.18 0.49
N GLY C 47 11.52 -54.96 1.36
N GLY C 47 11.62 -55.15 1.19
CA GLY C 47 12.29 -55.63 2.38
CA GLY C 47 12.28 -55.55 2.41
C GLY C 47 13.34 -56.53 1.76
C GLY C 47 13.40 -56.56 2.31
N GLY C 48 14.30 -56.90 2.60
N GLY C 48 13.81 -56.99 1.11
CA GLY C 48 15.29 -57.86 2.15
CA GLY C 48 14.87 -58.00 1.02
C GLY C 48 14.74 -59.26 2.10
C GLY C 48 14.34 -59.35 1.54
N TYR C 49 15.62 -60.20 1.75
N TYR C 49 15.29 -60.24 1.80
CA TYR C 49 15.31 -61.62 1.90
CA TYR C 49 15.04 -61.66 2.06
C TYR C 49 15.89 -62.06 3.25
C TYR C 49 15.47 -62.12 3.43
N NH2 C 50 15.91 -63.35 3.47
N NH2 C 50 14.52 -62.71 4.14
HN1 NH2 C 50 15.60 -64.00 2.77
HN1 NH2 C 50 13.59 -62.82 3.75
HN2 NH2 C 50 16.26 -63.71 4.37
HN2 NH2 C 50 14.72 -63.03 5.09
C1 EDO D . -5.00 44.00 3.67
O1 EDO D . -4.77 45.16 4.49
C2 EDO D . -5.31 42.77 4.53
O2 EDO D . -6.33 43.09 5.48
H11 EDO D . -5.83 44.20 2.99
H12 EDO D . -4.11 43.81 3.06
HO1 EDO D . -4.79 45.95 3.94
H21 EDO D . -5.66 41.95 3.88
H22 EDO D . -4.42 42.43 5.05
HO2 EDO D . -6.50 42.32 6.05
C1 EDO E . -8.96 59.52 1.79
O1 EDO E . -9.55 59.03 3.00
C2 EDO E . -7.47 59.74 2.03
O2 EDO E . -6.88 60.21 0.82
H11 EDO E . -9.11 58.80 0.98
H12 EDO E . -9.45 60.45 1.49
HO1 EDO E . -10.37 58.56 2.80
H21 EDO E . -7.34 60.48 2.83
H22 EDO E . -7.00 58.82 2.35
HO2 EDO E . -6.12 60.76 1.04
C1 EDO F . 2.10 -53.98 -1.01
O1 EDO F . 1.39 -54.98 -0.27
C2 EDO F . 2.97 -53.09 -0.13
O2 EDO F . 3.59 -52.03 -0.91
H11 EDO F . 2.74 -54.47 -1.76
H12 EDO F . 1.39 -53.36 -1.54
HO1 EDO F . 1.12 -55.69 -0.86
H21 EDO F . 2.36 -52.65 0.67
H22 EDO F . 3.75 -53.69 0.35
HO2 EDO F . 4.12 -51.47 -0.34
C1 EDO G . 4.60 -43.72 6.39
O1 EDO G . 5.31 -42.51 6.66
C2 EDO G . 3.21 -43.43 5.81
O2 EDO G . 2.50 -44.65 5.64
H11 EDO G . 5.16 -44.33 5.69
H12 EDO G . 4.49 -44.29 7.32
HO1 EDO G . 6.19 -42.73 7.01
H21 EDO G . 2.66 -42.77 6.49
H22 EDO G . 3.31 -42.92 4.86
HO2 EDO G . 1.62 -44.48 5.26
C1 EDO H . 8.11 -29.00 -5.03
O1 EDO H . 6.69 -29.31 -5.00
C2 EDO H . 8.86 -29.71 -3.89
O2 EDO H . 10.23 -29.32 -3.67
H11 EDO H . 8.53 -29.31 -5.98
H12 EDO H . 8.25 -27.92 -4.94
HO1 EDO H . 6.25 -28.85 -5.72
H21 EDO H . 8.30 -29.53 -2.95
H22 EDO H . 8.83 -30.78 -4.08
HO2 EDO H . 10.61 -29.87 -2.97
C1 GOL I . -15.21 68.26 -8.98
O1 GOL I . -16.58 68.16 -8.66
C2 GOL I . -15.03 68.00 -10.47
O2 GOL I . -16.26 68.16 -11.14
C3 GOL I . -14.00 68.95 -11.08
O3 GOL I . -14.15 68.89 -12.50
H11 GOL I . -14.85 69.26 -8.73
H12 GOL I . -14.63 67.54 -8.40
HO1 GOL I . -16.75 67.29 -8.23
H2 GOL I . -14.64 66.99 -10.57
HO2 GOL I . -16.98 68.19 -10.47
H31 GOL I . -14.18 69.96 -10.72
H32 GOL I . -13.00 68.66 -10.79
HO3 GOL I . -14.98 68.43 -12.72
C1 GOL J . 12.38 -48.64 -5.11
O1 GOL J . 12.69 -49.82 -4.47
C2 GOL J . 12.33 -47.53 -4.07
O2 GOL J . 13.65 -47.37 -3.57
C3 GOL J . 11.80 -46.26 -4.68
O3 GOL J . 11.75 -45.27 -3.71
H11 GOL J . 13.13 -48.41 -5.86
H12 GOL J . 11.42 -48.74 -5.62
HO1 GOL J . 13.64 -50.04 -4.62
H2 GOL J . 11.65 -47.78 -3.26
HO2 GOL J . 13.92 -48.17 -3.07
H31 GOL J . 12.46 -45.95 -5.49
H32 GOL J . 10.81 -46.44 -5.10
HO3 GOL J . 11.24 -45.60 -2.93
#